data_2LO7
#
_entry.id   2LO7
#
_entity_poly.entity_id   1
_entity_poly.type   'polypeptide(L)'
_entity_poly.pdbx_seq_one_letter_code
;GSGCMKEYCAGQCRGKVSQDYCLKHCKCIPR
;
_entity_poly.pdbx_strand_id   A
#
# COMPACT_ATOMS: atom_id res chain seq x y z
N GLY A 1 -11.36 5.08 -3.65
CA GLY A 1 -10.97 3.67 -3.69
C GLY A 1 -11.12 3.04 -2.32
N SER A 2 -10.77 1.75 -2.18
CA SER A 2 -10.82 1.01 -0.90
C SER A 2 -9.71 1.36 0.11
N GLY A 3 -8.80 2.27 -0.24
CA GLY A 3 -7.55 2.54 0.46
C GLY A 3 -6.40 1.76 -0.17
N CYS A 4 -5.49 2.39 -0.92
CA CYS A 4 -5.90 3.37 -1.94
C CYS A 4 -6.82 2.63 -2.93
N MET A 5 -6.29 1.58 -3.56
CA MET A 5 -7.01 0.37 -3.95
C MET A 5 -6.11 -0.83 -3.63
N LYS A 6 -6.64 -1.98 -3.18
CA LYS A 6 -5.82 -3.15 -2.83
C LYS A 6 -5.11 -3.78 -4.05
N GLU A 7 -5.66 -3.54 -5.24
CA GLU A 7 -5.05 -3.87 -6.53
C GLU A 7 -3.83 -2.98 -6.80
N TYR A 8 -4.01 -1.65 -6.78
CA TYR A 8 -2.96 -0.64 -6.96
C TYR A 8 -1.80 -0.85 -5.97
N CYS A 9 -2.12 -1.07 -4.70
CA CYS A 9 -1.12 -1.23 -3.65
C CYS A 9 -0.23 -2.46 -3.85
N ALA A 10 -0.73 -3.57 -4.42
CA ALA A 10 0.12 -4.73 -4.76
C ALA A 10 0.84 -4.59 -6.11
N GLY A 11 0.31 -3.76 -7.02
CA GLY A 11 0.94 -3.35 -8.27
C GLY A 11 2.07 -2.31 -8.12
N GLN A 12 2.24 -1.71 -6.93
CA GLN A 12 3.30 -0.74 -6.63
C GLN A 12 4.21 -1.13 -5.46
N CYS A 13 3.68 -1.73 -4.39
CA CYS A 13 4.38 -1.96 -3.13
C CYS A 13 4.26 -3.42 -2.66
N ARG A 14 5.23 -3.92 -1.88
CA ARG A 14 5.39 -5.37 -1.66
C ARG A 14 5.59 -5.80 -0.20
N GLY A 15 4.94 -6.91 0.15
CA GLY A 15 4.85 -7.42 1.52
C GLY A 15 3.66 -6.83 2.28
N LYS A 16 3.15 -7.56 3.28
CA LYS A 16 1.87 -7.30 3.95
C LYS A 16 1.83 -5.90 4.57
N VAL A 17 2.90 -5.48 5.22
CA VAL A 17 2.98 -4.22 5.99
C VAL A 17 3.22 -3.03 5.07
N SER A 18 4.01 -3.22 4.00
CA SER A 18 4.23 -2.24 2.95
C SER A 18 2.94 -1.96 2.18
N GLN A 19 2.25 -3.01 1.74
CA GLN A 19 0.90 -2.91 1.19
C GLN A 19 -0.11 -2.30 2.19
N ASP A 20 -0.04 -2.63 3.48
CA ASP A 20 -0.88 -2.02 4.53
C ASP A 20 -0.60 -0.52 4.72
N TYR A 21 0.66 -0.08 4.59
CA TYR A 21 1.00 1.34 4.56
C TYR A 21 0.36 2.06 3.37
N CYS A 22 0.29 1.41 2.20
CA CYS A 22 -0.38 1.95 1.02
C CYS A 22 -1.91 2.03 1.20
N LEU A 23 -2.50 1.09 1.93
CA LEU A 23 -3.89 1.11 2.38
C LEU A 23 -4.27 2.28 3.31
N LYS A 24 -3.27 2.89 3.97
CA LYS A 24 -3.41 4.04 4.88
C LYS A 24 -3.00 5.36 4.24
N HIS A 25 -1.98 5.34 3.38
CA HIS A 25 -1.23 6.55 2.95
C HIS A 25 -1.09 6.71 1.43
N CYS A 26 -1.68 5.82 0.63
CA CYS A 26 -1.60 5.81 -0.84
C CYS A 26 -0.16 5.83 -1.42
N LYS A 27 0.81 5.32 -0.65
CA LYS A 27 2.23 5.21 -1.02
C LYS A 27 2.87 3.98 -0.39
N CYS A 28 4.06 3.62 -0.88
CA CYS A 28 4.86 2.56 -0.28
C CYS A 28 5.52 3.03 1.03
N ILE A 29 5.92 2.07 1.87
CA ILE A 29 6.42 2.31 3.22
C ILE A 29 7.89 2.80 3.21
N PRO A 30 8.27 3.80 4.02
CA PRO A 30 9.65 4.31 4.07
C PRO A 30 10.63 3.35 4.76
N ARG A 31 11.94 3.59 4.58
CA ARG A 31 13.06 2.82 5.15
C ARG A 31 13.93 3.68 6.05
N GLY A 1 -12.66 8.19 3.22
CA GLY A 1 -12.60 6.90 3.96
C GLY A 1 -11.20 6.33 3.92
N SER A 2 -11.08 5.01 3.93
CA SER A 2 -9.86 4.27 3.58
C SER A 2 -10.00 3.54 2.24
N GLY A 3 -8.91 3.25 1.52
CA GLY A 3 -7.51 3.54 1.80
C GLY A 3 -6.81 4.13 0.59
N CYS A 4 -6.68 3.31 -0.45
CA CYS A 4 -6.21 3.69 -1.79
C CYS A 4 -7.03 2.85 -2.80
N MET A 5 -6.44 1.78 -3.35
CA MET A 5 -7.11 0.64 -4.00
C MET A 5 -6.22 -0.60 -3.81
N LYS A 6 -6.80 -1.77 -3.51
CA LYS A 6 -6.06 -2.99 -3.13
C LYS A 6 -5.11 -3.49 -4.23
N GLU A 7 -5.58 -3.52 -5.47
CA GLU A 7 -4.83 -4.01 -6.63
C GLU A 7 -3.71 -3.05 -7.02
N TYR A 8 -4.01 -1.75 -7.01
CA TYR A 8 -3.07 -0.66 -7.27
C TYR A 8 -1.89 -0.68 -6.30
N CYS A 9 -2.18 -0.91 -5.01
CA CYS A 9 -1.18 -1.04 -3.96
C CYS A 9 -0.29 -2.28 -4.13
N ALA A 10 -0.87 -3.44 -4.48
CA ALA A 10 -0.08 -4.61 -4.87
C ALA A 10 0.74 -4.36 -6.15
N GLY A 11 0.30 -3.44 -7.01
CA GLY A 11 1.04 -2.95 -8.19
C GLY A 11 2.20 -1.98 -7.91
N GLN A 12 2.37 -1.48 -6.66
CA GLN A 12 3.51 -0.61 -6.31
C GLN A 12 4.27 -0.96 -5.01
N CYS A 13 3.79 -1.87 -4.17
CA CYS A 13 4.42 -2.19 -2.88
C CYS A 13 4.26 -3.69 -2.54
N ARG A 14 5.15 -4.27 -1.70
CA ARG A 14 5.18 -5.71 -1.38
C ARG A 14 5.79 -6.07 -0.03
N GLY A 15 5.29 -7.16 0.57
CA GLY A 15 5.28 -7.39 2.02
C GLY A 15 3.98 -6.84 2.61
N LYS A 16 3.37 -7.54 3.58
CA LYS A 16 2.00 -7.24 4.06
C LYS A 16 1.93 -5.89 4.78
N VAL A 17 2.98 -5.51 5.51
CA VAL A 17 3.08 -4.19 6.18
C VAL A 17 3.31 -3.04 5.19
N SER A 18 4.00 -3.34 4.09
CA SER A 18 4.30 -2.41 3.01
C SER A 18 3.05 -2.13 2.19
N GLN A 19 2.30 -3.19 1.85
CA GLN A 19 0.96 -3.08 1.27
C GLN A 19 -0.04 -2.42 2.24
N ASP A 20 0.06 -2.65 3.56
CA ASP A 20 -0.73 -1.96 4.59
C ASP A 20 -0.42 -0.45 4.65
N TYR A 21 0.85 -0.05 4.51
CA TYR A 21 1.20 1.37 4.34
C TYR A 21 0.48 1.99 3.14
N CYS A 22 0.31 1.27 2.03
CA CYS A 22 -0.42 1.79 0.88
C CYS A 22 -1.94 1.91 1.14
N LEU A 23 -2.50 1.00 1.94
CA LEU A 23 -3.88 1.09 2.45
C LEU A 23 -4.08 2.18 3.53
N LYS A 24 -3.02 2.68 4.16
CA LYS A 24 -3.07 3.79 5.15
C LYS A 24 -2.62 5.15 4.61
N HIS A 25 -1.92 5.18 3.47
CA HIS A 25 -1.25 6.40 2.95
C HIS A 25 -1.36 6.61 1.43
N CYS A 26 -1.84 5.64 0.66
CA CYS A 26 -1.85 5.63 -0.82
C CYS A 26 -0.45 5.85 -1.45
N LYS A 27 0.57 5.32 -0.78
CA LYS A 27 2.02 5.36 -1.06
C LYS A 27 2.67 4.03 -0.67
N CYS A 28 3.83 3.69 -1.21
CA CYS A 28 4.64 2.62 -0.64
C CYS A 28 5.38 3.09 0.63
N ILE A 29 5.84 2.13 1.43
CA ILE A 29 6.44 2.33 2.75
C ILE A 29 7.89 2.88 2.66
N PRO A 30 8.35 3.73 3.60
CA PRO A 30 9.74 4.14 3.70
C PRO A 30 10.55 3.30 4.71
N ARG A 31 11.87 3.30 4.54
CA ARG A 31 12.86 2.81 5.52
C ARG A 31 13.46 3.96 6.32
N GLY A 1 -5.79 7.28 6.26
CA GLY A 1 -6.98 6.56 5.79
C GLY A 1 -6.92 5.10 6.17
N SER A 2 -7.75 4.27 5.54
CA SER A 2 -7.77 2.80 5.71
C SER A 2 -7.78 2.00 4.39
N GLY A 3 -7.93 2.68 3.24
CA GLY A 3 -7.68 2.12 1.91
C GLY A 3 -7.49 3.17 0.83
N CYS A 4 -6.95 2.77 -0.33
CA CYS A 4 -6.89 3.57 -1.55
C CYS A 4 -7.48 2.76 -2.72
N MET A 5 -6.67 1.89 -3.34
CA MET A 5 -7.11 0.72 -4.11
C MET A 5 -6.13 -0.42 -3.86
N LYS A 6 -6.63 -1.64 -3.54
CA LYS A 6 -5.76 -2.76 -3.16
C LYS A 6 -4.90 -3.25 -4.32
N GLU A 7 -5.43 -3.21 -5.55
CA GLU A 7 -4.69 -3.62 -6.76
C GLU A 7 -3.57 -2.65 -7.13
N TYR A 8 -3.73 -1.36 -6.82
CA TYR A 8 -2.66 -0.37 -6.92
C TYR A 8 -1.59 -0.69 -5.87
N CYS A 9 -1.99 -0.81 -4.62
CA CYS A 9 -1.06 -1.01 -3.50
C CYS A 9 -0.29 -2.33 -3.56
N ALA A 10 -0.92 -3.44 -3.96
CA ALA A 10 -0.25 -4.73 -4.16
C ALA A 10 0.61 -4.79 -5.43
N GLY A 11 0.38 -3.89 -6.38
CA GLY A 11 1.20 -3.75 -7.59
C GLY A 11 2.46 -2.92 -7.34
N GLN A 12 2.31 -1.74 -6.72
CA GLN A 12 3.40 -0.77 -6.49
C GLN A 12 4.24 -1.04 -5.23
N CYS A 13 3.74 -1.84 -4.28
CA CYS A 13 4.35 -2.07 -2.98
C CYS A 13 4.26 -3.57 -2.56
N ARG A 14 5.24 -4.08 -1.81
CA ARG A 14 5.38 -5.52 -1.50
C ARG A 14 5.88 -5.80 -0.07
N GLY A 15 5.48 -6.94 0.48
CA GLY A 15 5.44 -7.21 1.91
C GLY A 15 4.07 -6.80 2.49
N LYS A 16 3.50 -7.60 3.39
CA LYS A 16 2.10 -7.43 3.86
C LYS A 16 1.86 -6.06 4.50
N VAL A 17 2.83 -5.57 5.28
CA VAL A 17 2.73 -4.31 6.00
C VAL A 17 3.08 -3.12 5.12
N SER A 18 3.92 -3.31 4.09
CA SER A 18 4.16 -2.34 3.03
C SER A 18 2.89 -2.11 2.20
N GLN A 19 2.24 -3.19 1.76
CA GLN A 19 0.92 -3.11 1.12
C GLN A 19 -0.13 -2.45 2.01
N ASP A 20 -0.13 -2.76 3.32
CA ASP A 20 -1.01 -2.10 4.29
C ASP A 20 -0.70 -0.61 4.48
N TYR A 21 0.57 -0.19 4.49
CA TYR A 21 0.94 1.25 4.53
C TYR A 21 0.34 2.01 3.34
N CYS A 22 0.26 1.37 2.17
CA CYS A 22 -0.36 1.98 0.98
C CYS A 22 -1.89 2.03 1.10
N LEU A 23 -2.52 1.07 1.77
CA LEU A 23 -3.92 1.19 2.18
C LEU A 23 -4.11 2.36 3.18
N LYS A 24 -3.23 2.51 4.17
CA LYS A 24 -3.27 3.60 5.16
C LYS A 24 -3.03 5.00 4.55
N HIS A 25 -2.16 5.12 3.54
CA HIS A 25 -1.57 6.41 3.09
C HIS A 25 -1.56 6.67 1.57
N CYS A 26 -1.98 5.73 0.73
CA CYS A 26 -1.86 5.75 -0.74
C CYS A 26 -0.44 6.07 -1.28
N LYS A 27 0.61 5.57 -0.60
CA LYS A 27 2.01 5.52 -1.04
C LYS A 27 2.68 4.24 -0.50
N CYS A 28 3.75 3.78 -1.12
CA CYS A 28 4.56 2.71 -0.56
C CYS A 28 5.36 3.18 0.68
N ILE A 29 5.81 2.22 1.50
CA ILE A 29 6.40 2.47 2.83
C ILE A 29 7.86 2.97 2.77
N PRO A 30 8.31 3.87 3.67
CA PRO A 30 9.72 4.26 3.79
C PRO A 30 10.67 3.12 4.20
N ARG A 31 11.98 3.36 4.11
CA ARG A 31 13.06 2.47 4.57
C ARG A 31 13.02 2.20 6.07
N GLY A 1 -14.61 4.83 4.64
CA GLY A 1 -14.11 3.52 4.21
C GLY A 1 -12.66 3.32 4.59
N SER A 2 -12.07 2.18 4.19
CA SER A 2 -10.69 1.78 4.47
C SER A 2 -9.88 1.53 3.18
N GLY A 3 -8.55 1.68 3.23
CA GLY A 3 -7.67 1.47 2.08
C GLY A 3 -7.59 2.66 1.10
N CYS A 4 -6.94 2.47 -0.06
CA CYS A 4 -6.95 3.42 -1.17
C CYS A 4 -7.47 2.76 -2.45
N MET A 5 -6.63 1.96 -3.12
CA MET A 5 -6.97 1.05 -4.19
C MET A 5 -6.20 -0.25 -3.99
N LYS A 6 -6.91 -1.36 -3.73
CA LYS A 6 -6.35 -2.65 -3.32
C LYS A 6 -5.33 -3.21 -4.32
N GLU A 7 -5.63 -3.12 -5.62
CA GLU A 7 -4.78 -3.68 -6.68
C GLU A 7 -3.51 -2.85 -6.87
N TYR A 8 -3.66 -1.52 -6.87
CA TYR A 8 -2.57 -0.56 -6.95
C TYR A 8 -1.53 -0.79 -5.84
N CYS A 9 -2.00 -0.86 -4.59
CA CYS A 9 -1.14 -1.05 -3.44
C CYS A 9 -0.49 -2.44 -3.42
N ALA A 10 -1.22 -3.49 -3.81
CA ALA A 10 -0.68 -4.85 -3.92
C ALA A 10 0.36 -5.02 -5.05
N GLY A 11 0.29 -4.19 -6.10
CA GLY A 11 1.15 -4.26 -7.29
C GLY A 11 2.39 -3.35 -7.24
N GLN A 12 2.28 -2.13 -6.71
CA GLN A 12 3.42 -1.20 -6.59
C GLN A 12 4.21 -1.37 -5.28
N CYS A 13 3.61 -2.01 -4.27
CA CYS A 13 4.22 -2.23 -2.95
C CYS A 13 4.15 -3.70 -2.52
N ARG A 14 5.15 -4.18 -1.78
CA ARG A 14 5.31 -5.63 -1.46
C ARG A 14 5.81 -5.90 -0.04
N GLY A 15 5.36 -7.04 0.49
CA GLY A 15 5.33 -7.32 1.92
C GLY A 15 4.02 -6.81 2.53
N LYS A 16 3.48 -7.55 3.51
CA LYS A 16 2.19 -7.31 4.15
C LYS A 16 2.05 -5.89 4.69
N VAL A 17 3.07 -5.42 5.41
CA VAL A 17 3.09 -4.13 6.12
C VAL A 17 3.35 -2.98 5.15
N SER A 18 4.15 -3.21 4.10
CA SER A 18 4.34 -2.28 2.99
C SER A 18 3.04 -2.04 2.23
N GLN A 19 2.34 -3.11 1.85
CA GLN A 19 1.00 -3.02 1.25
C GLN A 19 -0.01 -2.35 2.19
N ASP A 20 0.02 -2.66 3.50
CA ASP A 20 -0.85 -2.04 4.50
C ASP A 20 -0.57 -0.54 4.66
N TYR A 21 0.69 -0.10 4.63
CA TYR A 21 1.06 1.32 4.59
C TYR A 21 0.39 2.03 3.40
N CYS A 22 0.31 1.38 2.24
CA CYS A 22 -0.36 1.94 1.06
C CYS A 22 -1.88 1.95 1.19
N LEU A 23 -2.46 1.01 1.94
CA LEU A 23 -3.87 1.07 2.33
C LEU A 23 -4.14 2.24 3.31
N LYS A 24 -3.25 2.52 4.26
CA LYS A 24 -3.37 3.69 5.17
C LYS A 24 -3.11 5.04 4.48
N HIS A 25 -2.16 5.09 3.53
CA HIS A 25 -1.54 6.33 3.06
C HIS A 25 -1.59 6.56 1.53
N CYS A 26 -2.08 5.60 0.75
CA CYS A 26 -2.05 5.58 -0.72
C CYS A 26 -0.67 5.73 -1.39
N LYS A 27 0.41 5.54 -0.61
CA LYS A 27 1.82 5.49 -1.05
C LYS A 27 2.51 4.26 -0.45
N CYS A 28 3.59 3.79 -1.07
CA CYS A 28 4.41 2.72 -0.54
C CYS A 28 5.30 3.20 0.62
N ILE A 29 5.86 2.25 1.37
CA ILE A 29 6.48 2.45 2.68
C ILE A 29 7.94 2.95 2.61
N PRO A 30 8.49 3.63 3.64
CA PRO A 30 9.92 3.94 3.82
C PRO A 30 10.83 2.73 4.12
N ARG A 31 10.49 1.53 3.63
CA ARG A 31 11.17 0.24 3.90
C ARG A 31 11.35 -0.52 2.59
N GLY A 1 -11.44 5.52 -3.42
CA GLY A 1 -10.97 4.14 -3.66
C GLY A 1 -11.02 3.31 -2.39
N SER A 2 -10.73 2.00 -2.47
CA SER A 2 -10.85 1.01 -1.39
C SER A 2 -9.72 1.05 -0.33
N GLY A 3 -8.79 2.00 -0.46
CA GLY A 3 -7.61 2.18 0.38
C GLY A 3 -6.35 1.59 -0.28
N CYS A 4 -5.48 2.38 -0.89
CA CYS A 4 -5.89 3.50 -1.73
C CYS A 4 -6.79 2.96 -2.86
N MET A 5 -6.29 1.93 -3.55
CA MET A 5 -7.06 0.77 -4.00
C MET A 5 -6.22 -0.50 -3.71
N LYS A 6 -6.81 -1.57 -3.16
CA LYS A 6 -6.08 -2.76 -2.70
C LYS A 6 -5.28 -3.45 -3.80
N GLU A 7 -5.88 -3.60 -4.99
CA GLU A 7 -5.22 -4.21 -6.15
C GLU A 7 -4.06 -3.34 -6.66
N TYR A 8 -4.27 -2.02 -6.78
CA TYR A 8 -3.25 -1.05 -7.20
C TYR A 8 -2.05 -1.03 -6.25
N CYS A 9 -2.30 -1.06 -4.93
CA CYS A 9 -1.27 -1.11 -3.90
C CYS A 9 -0.35 -2.34 -4.01
N ALA A 10 -0.80 -3.46 -4.59
CA ALA A 10 0.04 -4.64 -4.79
C ALA A 10 1.09 -4.50 -5.93
N GLY A 11 0.95 -3.48 -6.78
CA GLY A 11 1.96 -3.06 -7.76
C GLY A 11 2.82 -1.88 -7.28
N GLN A 12 2.24 -0.92 -6.54
CA GLN A 12 2.98 0.21 -5.96
C GLN A 12 3.88 -0.19 -4.78
N CYS A 13 3.58 -1.30 -4.09
CA CYS A 13 4.27 -1.71 -2.86
C CYS A 13 4.25 -3.23 -2.62
N ARG A 14 5.27 -3.75 -1.90
CA ARG A 14 5.45 -5.20 -1.64
C ARG A 14 5.81 -5.54 -0.20
N GLY A 15 5.38 -6.71 0.25
CA GLY A 15 5.35 -7.12 1.67
C GLY A 15 4.01 -6.74 2.31
N LYS A 16 3.50 -7.54 3.25
CA LYS A 16 2.15 -7.39 3.80
C LYS A 16 1.94 -6.05 4.50
N VAL A 17 2.91 -5.63 5.31
CA VAL A 17 2.86 -4.39 6.11
C VAL A 17 3.11 -3.15 5.26
N SER A 18 3.96 -3.28 4.24
CA SER A 18 4.19 -2.28 3.21
C SER A 18 2.92 -2.05 2.38
N GLN A 19 2.27 -3.11 1.90
CA GLN A 19 0.92 -2.98 1.30
C GLN A 19 -0.12 -2.42 2.29
N ASP A 20 -0.09 -2.77 3.58
CA ASP A 20 -0.96 -2.17 4.62
C ASP A 20 -0.67 -0.67 4.79
N TYR A 21 0.59 -0.23 4.66
CA TYR A 21 0.95 1.20 4.59
C TYR A 21 0.33 1.90 3.38
N CYS A 22 0.30 1.25 2.22
CA CYS A 22 -0.34 1.80 1.02
C CYS A 22 -1.87 1.89 1.17
N LEU A 23 -2.47 0.95 1.91
CA LEU A 23 -3.88 0.97 2.32
C LEU A 23 -4.22 2.16 3.25
N LYS A 24 -3.27 2.64 4.06
CA LYS A 24 -3.38 3.87 4.85
C LYS A 24 -3.12 5.13 4.02
N HIS A 25 -2.05 5.14 3.23
CA HIS A 25 -1.32 6.36 2.82
C HIS A 25 -1.15 6.58 1.30
N CYS A 26 -1.67 5.70 0.44
CA CYS A 26 -1.52 5.77 -1.03
C CYS A 26 -0.07 5.76 -1.59
N LYS A 27 0.92 5.40 -0.75
CA LYS A 27 2.35 5.28 -1.07
C LYS A 27 2.98 4.03 -0.43
N CYS A 28 4.20 3.68 -0.85
CA CYS A 28 4.96 2.59 -0.24
C CYS A 28 5.81 3.04 0.96
N ILE A 29 6.18 2.07 1.81
CA ILE A 29 6.78 2.32 3.14
C ILE A 29 8.30 2.55 3.06
N PRO A 30 8.86 3.60 3.68
CA PRO A 30 10.30 3.90 3.62
C PRO A 30 11.15 2.96 4.47
N ARG A 31 12.41 2.75 4.08
CA ARG A 31 13.17 3.37 2.96
C ARG A 31 12.99 2.71 1.59
N GLY A 1 -12.67 1.33 -2.98
CA GLY A 1 -11.24 1.04 -3.18
C GLY A 1 -10.50 1.10 -1.87
N SER A 2 -9.82 0.02 -1.46
CA SER A 2 -9.23 -0.12 -0.13
C SER A 2 -8.04 0.84 0.08
N GLY A 3 -8.21 1.88 0.90
CA GLY A 3 -7.24 2.97 1.13
C GLY A 3 -7.04 3.91 -0.07
N CYS A 4 -6.64 3.33 -1.20
CA CYS A 4 -6.71 3.90 -2.54
C CYS A 4 -7.33 2.83 -3.45
N MET A 5 -6.57 1.77 -3.77
CA MET A 5 -7.06 0.44 -4.14
C MET A 5 -6.09 -0.63 -3.65
N LYS A 6 -6.60 -1.77 -3.17
CA LYS A 6 -5.82 -2.96 -2.80
C LYS A 6 -4.91 -3.42 -3.95
N GLU A 7 -5.46 -3.40 -5.17
CA GLU A 7 -4.81 -3.81 -6.41
C GLU A 7 -3.61 -2.91 -6.76
N TYR A 8 -3.82 -1.60 -6.76
CA TYR A 8 -2.78 -0.57 -6.96
C TYR A 8 -1.68 -0.71 -5.91
N CYS A 9 -2.07 -0.83 -4.63
CA CYS A 9 -1.12 -1.01 -3.54
C CYS A 9 -0.27 -2.28 -3.69
N ALA A 10 -0.80 -3.36 -4.27
CA ALA A 10 -0.06 -4.58 -4.56
C ALA A 10 0.79 -4.53 -5.86
N GLY A 11 0.47 -3.64 -6.79
CA GLY A 11 1.28 -3.35 -7.98
C GLY A 11 2.46 -2.41 -7.71
N GLN A 12 2.30 -1.47 -6.78
CA GLN A 12 3.29 -0.42 -6.44
C GLN A 12 4.09 -0.68 -5.16
N CYS A 13 3.68 -1.67 -4.35
CA CYS A 13 4.34 -2.03 -3.09
C CYS A 13 4.21 -3.54 -2.78
N ARG A 14 5.17 -4.13 -2.06
CA ARG A 14 5.18 -5.57 -1.70
C ARG A 14 5.68 -5.89 -0.30
N GLY A 15 5.20 -7.02 0.23
CA GLY A 15 5.18 -7.34 1.66
C GLY A 15 3.88 -6.86 2.28
N LYS A 16 3.31 -7.65 3.19
CA LYS A 16 1.95 -7.47 3.73
C LYS A 16 1.78 -6.15 4.49
N VAL A 17 2.80 -5.74 5.24
CA VAL A 17 2.84 -4.47 6.02
C VAL A 17 3.16 -3.27 5.13
N SER A 18 3.98 -3.49 4.09
CA SER A 18 4.30 -2.49 3.08
C SER A 18 3.05 -2.11 2.29
N GLN A 19 2.28 -3.11 1.85
CA GLN A 19 0.94 -2.91 1.28
C GLN A 19 -0.06 -2.33 2.29
N ASP A 20 0.01 -2.67 3.58
CA ASP A 20 -0.87 -2.10 4.61
C ASP A 20 -0.58 -0.61 4.86
N TYR A 21 0.67 -0.15 4.78
CA TYR A 21 0.99 1.30 4.72
C TYR A 21 0.32 2.00 3.53
N CYS A 22 0.27 1.36 2.36
CA CYS A 22 -0.38 1.93 1.18
C CYS A 22 -1.92 2.04 1.35
N LEU A 23 -2.52 1.09 2.08
CA LEU A 23 -3.91 1.18 2.54
C LEU A 23 -4.18 2.32 3.54
N LYS A 24 -3.14 2.87 4.17
CA LYS A 24 -3.24 4.06 5.04
C LYS A 24 -2.91 5.37 4.32
N HIS A 25 -2.03 5.34 3.31
CA HIS A 25 -1.37 6.55 2.75
C HIS A 25 -1.19 6.60 1.22
N CYS A 26 -1.75 5.68 0.43
CA CYS A 26 -1.72 5.69 -1.05
C CYS A 26 -0.31 5.82 -1.70
N LYS A 27 0.72 5.32 -1.00
CA LYS A 27 2.15 5.31 -1.36
C LYS A 27 2.79 4.03 -0.83
N CYS A 28 3.94 3.60 -1.33
CA CYS A 28 4.67 2.49 -0.72
C CYS A 28 5.39 2.94 0.56
N ILE A 29 5.68 1.99 1.45
CA ILE A 29 6.18 2.25 2.80
C ILE A 29 7.56 2.93 2.81
N PRO A 30 7.79 3.97 3.63
CA PRO A 30 9.09 4.64 3.71
C PRO A 30 10.13 3.75 4.37
N ARG A 31 11.10 3.31 3.58
CA ARG A 31 12.14 2.35 3.89
C ARG A 31 13.38 2.64 3.04
N GLY A 1 -12.01 6.12 3.70
CA GLY A 1 -12.05 5.00 2.73
C GLY A 1 -11.03 3.93 3.07
N SER A 2 -10.94 2.86 2.26
CA SER A 2 -9.97 1.75 2.43
C SER A 2 -8.55 2.10 1.94
N GLY A 3 -8.04 3.27 2.33
CA GLY A 3 -6.72 3.78 1.94
C GLY A 3 -6.67 4.28 0.50
N CYS A 4 -6.56 3.35 -0.45
CA CYS A 4 -6.69 3.58 -1.88
C CYS A 4 -7.36 2.36 -2.54
N MET A 5 -6.57 1.39 -3.06
CA MET A 5 -7.05 0.10 -3.57
C MET A 5 -5.96 -0.96 -3.35
N LYS A 6 -6.36 -2.21 -3.11
CA LYS A 6 -5.44 -3.36 -3.00
C LYS A 6 -4.63 -3.55 -4.27
N GLU A 7 -5.32 -3.58 -5.41
CA GLU A 7 -4.72 -3.84 -6.72
C GLU A 7 -3.69 -2.76 -7.12
N TYR A 8 -4.01 -1.49 -6.84
CA TYR A 8 -3.15 -0.34 -7.11
C TYR A 8 -1.76 -0.49 -6.48
N CYS A 9 -1.72 -0.87 -5.20
CA CYS A 9 -0.48 -1.01 -4.45
C CYS A 9 0.21 -2.37 -4.60
N ALA A 10 -0.51 -3.45 -4.96
CA ALA A 10 0.12 -4.64 -5.53
C ALA A 10 0.87 -4.34 -6.86
N GLY A 11 0.41 -3.31 -7.58
CA GLY A 11 1.10 -2.71 -8.73
C GLY A 11 2.22 -1.71 -8.39
N GLN A 12 2.58 -1.59 -7.10
CA GLN A 12 3.70 -0.79 -6.60
C GLN A 12 4.70 -1.64 -5.81
N CYS A 13 4.25 -2.31 -4.74
CA CYS A 13 5.09 -2.99 -3.75
C CYS A 13 4.41 -4.22 -3.11
N ARG A 14 5.22 -5.04 -2.44
CA ARG A 14 4.79 -6.19 -1.63
C ARG A 14 5.42 -6.18 -0.23
N GLY A 15 5.08 -7.20 0.56
CA GLY A 15 5.23 -7.20 1.99
C GLY A 15 3.95 -6.65 2.60
N LYS A 16 3.34 -7.42 3.49
CA LYS A 16 2.04 -7.13 4.11
C LYS A 16 2.00 -5.75 4.78
N VAL A 17 3.12 -5.31 5.36
CA VAL A 17 3.26 -4.00 6.00
C VAL A 17 3.43 -2.85 5.02
N SER A 18 4.02 -3.09 3.84
CA SER A 18 4.10 -2.08 2.77
C SER A 18 2.73 -1.88 2.15
N GLN A 19 2.01 -2.97 1.86
CA GLN A 19 0.60 -2.88 1.46
C GLN A 19 -0.30 -2.26 2.54
N ASP A 20 -0.11 -2.58 3.83
CA ASP A 20 -0.90 -1.98 4.92
C ASP A 20 -0.59 -0.48 5.13
N TYR A 21 0.66 -0.04 4.93
CA TYR A 21 1.00 1.39 4.89
C TYR A 21 0.30 2.11 3.73
N CYS A 22 0.22 1.47 2.55
CA CYS A 22 -0.54 2.03 1.43
C CYS A 22 -2.02 2.20 1.77
N LEU A 23 -2.57 1.27 2.56
CA LEU A 23 -3.92 1.33 3.09
C LEU A 23 -4.17 2.44 4.14
N LYS A 24 -3.13 3.18 4.53
CA LYS A 24 -3.20 4.48 5.23
C LYS A 24 -2.76 5.69 4.39
N HIS A 25 -1.92 5.49 3.36
CA HIS A 25 -1.12 6.56 2.72
C HIS A 25 -1.07 6.59 1.17
N CYS A 26 -1.69 5.63 0.48
CA CYS A 26 -1.68 5.48 -0.98
C CYS A 26 -0.29 5.35 -1.65
N LYS A 27 0.73 4.92 -0.90
CA LYS A 27 2.10 4.62 -1.37
C LYS A 27 2.70 3.43 -0.63
N CYS A 28 3.80 2.85 -1.13
CA CYS A 28 4.61 1.91 -0.38
C CYS A 28 5.08 2.49 0.97
N ILE A 29 5.37 1.63 1.96
CA ILE A 29 6.10 2.06 3.17
C ILE A 29 7.50 2.59 2.75
N PRO A 30 8.01 3.70 3.32
CA PRO A 30 8.90 4.61 2.58
C PRO A 30 10.12 3.98 1.89
N ARG A 31 10.18 4.18 0.57
CA ARG A 31 11.12 3.61 -0.40
C ARG A 31 11.86 4.73 -1.11
N GLY A 1 -3.38 8.38 7.25
CA GLY A 1 -4.47 8.94 6.45
C GLY A 1 -5.51 7.87 6.12
N SER A 2 -5.82 7.68 4.84
CA SER A 2 -6.70 6.61 4.32
C SER A 2 -6.07 5.87 3.12
N GLY A 3 -6.64 4.72 2.76
CA GLY A 3 -6.13 3.84 1.70
C GLY A 3 -6.55 4.26 0.28
N CYS A 4 -5.99 3.59 -0.72
CA CYS A 4 -6.28 3.84 -2.13
C CYS A 4 -7.10 2.70 -2.78
N MET A 5 -6.45 1.68 -3.36
CA MET A 5 -7.07 0.42 -3.82
C MET A 5 -6.06 -0.71 -3.64
N LYS A 6 -6.54 -1.94 -3.38
CA LYS A 6 -5.67 -3.11 -3.16
C LYS A 6 -4.84 -3.43 -4.40
N GLU A 7 -5.47 -3.48 -5.57
CA GLU A 7 -4.81 -3.80 -6.84
C GLU A 7 -3.73 -2.77 -7.20
N TYR A 8 -4.02 -1.48 -6.96
CA TYR A 8 -3.08 -0.38 -7.16
C TYR A 8 -1.85 -0.51 -6.24
N CYS A 9 -2.09 -0.71 -4.95
CA CYS A 9 -1.04 -0.85 -3.93
C CYS A 9 -0.18 -2.11 -4.16
N ALA A 10 -0.79 -3.25 -4.51
CA ALA A 10 -0.06 -4.48 -4.84
C ALA A 10 0.85 -4.34 -6.07
N GLY A 11 0.48 -3.48 -7.04
CA GLY A 11 1.33 -3.19 -8.20
C GLY A 11 2.59 -2.38 -7.88
N GLN A 12 2.61 -1.61 -6.78
CA GLN A 12 3.74 -0.76 -6.39
C GLN A 12 4.41 -1.09 -5.04
N CYS A 13 3.91 -2.09 -4.30
CA CYS A 13 4.39 -2.41 -2.95
C CYS A 13 4.13 -3.89 -2.58
N ARG A 14 5.05 -4.51 -1.83
CA ARG A 14 5.04 -5.96 -1.52
C ARG A 14 5.45 -6.29 -0.09
N GLY A 15 4.99 -7.44 0.41
CA GLY A 15 4.96 -7.76 1.83
C GLY A 15 3.76 -7.10 2.52
N LYS A 16 3.20 -7.78 3.53
CA LYS A 16 1.95 -7.39 4.20
C LYS A 16 1.97 -5.97 4.76
N VAL A 17 3.09 -5.56 5.38
CA VAL A 17 3.18 -4.26 6.08
C VAL A 17 3.41 -3.09 5.12
N SER A 18 4.13 -3.32 4.02
CA SER A 18 4.34 -2.36 2.94
C SER A 18 3.02 -2.09 2.23
N GLN A 19 2.27 -3.15 1.89
CA GLN A 19 0.90 -3.02 1.38
C GLN A 19 -0.06 -2.36 2.39
N ASP A 20 0.03 -2.69 3.69
CA ASP A 20 -0.77 -2.07 4.75
C ASP A 20 -0.50 -0.56 4.89
N TYR A 21 0.76 -0.13 4.75
CA TYR A 21 1.10 1.29 4.69
C TYR A 21 0.41 1.99 3.51
N CYS A 22 0.34 1.36 2.33
CA CYS A 22 -0.36 1.93 1.17
C CYS A 22 -1.88 2.02 1.38
N LEU A 23 -2.43 1.12 2.20
CA LEU A 23 -3.81 1.14 2.68
C LEU A 23 -4.06 2.13 3.84
N LYS A 24 -3.03 2.79 4.36
CA LYS A 24 -3.11 3.92 5.31
C LYS A 24 -2.72 5.27 4.68
N HIS A 25 -2.02 5.26 3.54
CA HIS A 25 -1.28 6.43 3.02
C HIS A 25 -1.28 6.64 1.50
N CYS A 26 -1.84 5.75 0.66
CA CYS A 26 -1.79 5.84 -0.81
C CYS A 26 -0.38 5.81 -1.47
N LYS A 27 0.66 5.38 -0.73
CA LYS A 27 2.05 5.24 -1.18
C LYS A 27 2.70 3.97 -0.64
N CYS A 28 3.73 3.47 -1.31
CA CYS A 28 4.60 2.44 -0.73
C CYS A 28 5.45 2.98 0.43
N ILE A 29 5.88 2.09 1.31
CA ILE A 29 6.42 2.43 2.64
C ILE A 29 7.84 3.05 2.57
N PRO A 30 8.07 4.26 3.12
CA PRO A 30 9.39 4.87 3.17
C PRO A 30 10.24 4.26 4.30
N ARG A 31 11.37 3.64 3.93
CA ARG A 31 12.41 3.15 4.85
C ARG A 31 13.76 3.77 4.53
N GLY A 1 -12.53 5.24 5.34
CA GLY A 1 -11.22 5.27 4.68
C GLY A 1 -10.64 3.87 4.52
N SER A 2 -9.36 3.72 4.16
CA SER A 2 -8.35 4.79 3.99
C SER A 2 -7.32 4.50 2.87
N GLY A 3 -7.57 3.45 2.07
CA GLY A 3 -6.73 3.05 0.94
C GLY A 3 -7.16 3.68 -0.38
N CYS A 4 -6.21 3.74 -1.32
CA CYS A 4 -6.37 4.38 -2.62
C CYS A 4 -6.96 3.40 -3.65
N MET A 5 -6.28 2.27 -3.84
CA MET A 5 -6.73 1.04 -4.48
C MET A 5 -5.85 -0.12 -3.99
N LYS A 6 -6.47 -1.23 -3.59
CA LYS A 6 -5.79 -2.45 -3.14
C LYS A 6 -4.97 -3.07 -4.27
N GLU A 7 -5.54 -3.15 -5.47
CA GLU A 7 -4.89 -3.75 -6.65
C GLU A 7 -3.66 -2.96 -7.10
N TYR A 8 -3.77 -1.63 -7.08
CA TYR A 8 -2.73 -0.67 -7.46
C TYR A 8 -1.50 -0.78 -6.56
N CYS A 9 -1.72 -0.96 -5.25
CA CYS A 9 -0.63 -1.20 -4.30
C CYS A 9 -0.08 -2.63 -4.45
N ALA A 10 -0.92 -3.66 -4.32
CA ALA A 10 -0.46 -5.05 -4.26
C ALA A 10 0.26 -5.51 -5.53
N GLY A 11 -0.12 -4.98 -6.69
CA GLY A 11 0.54 -5.29 -7.97
C GLY A 11 1.92 -4.65 -8.15
N GLN A 12 2.26 -3.60 -7.39
CA GLN A 12 3.50 -2.83 -7.54
C GLN A 12 4.44 -2.97 -6.33
N CYS A 13 3.89 -3.11 -5.12
CA CYS A 13 4.62 -3.08 -3.85
C CYS A 13 4.25 -4.29 -2.99
N ARG A 14 5.26 -4.90 -2.36
CA ARG A 14 5.13 -6.20 -1.68
C ARG A 14 5.75 -6.24 -0.29
N GLY A 15 5.44 -7.29 0.45
CA GLY A 15 5.57 -7.39 1.89
C GLY A 15 4.31 -6.86 2.58
N LYS A 16 3.80 -7.60 3.58
CA LYS A 16 2.55 -7.32 4.30
C LYS A 16 2.52 -5.91 4.90
N VAL A 17 3.69 -5.36 5.27
CA VAL A 17 3.80 -4.01 5.85
C VAL A 17 3.68 -2.90 4.80
N SER A 18 4.24 -3.07 3.61
CA SER A 18 4.07 -2.08 2.53
C SER A 18 2.61 -2.13 2.03
N GLN A 19 2.09 -3.34 1.83
CA GLN A 19 0.66 -3.58 1.54
C GLN A 19 -0.34 -3.17 2.66
N ASP A 20 0.12 -2.86 3.87
CA ASP A 20 -0.66 -2.23 4.96
C ASP A 20 -0.51 -0.71 4.97
N TYR A 21 0.72 -0.19 4.84
CA TYR A 21 1.00 1.25 4.83
C TYR A 21 0.25 1.95 3.69
N CYS A 22 0.17 1.33 2.50
CA CYS A 22 -0.54 1.93 1.37
C CYS A 22 -2.05 1.99 1.61
N LEU A 23 -2.59 1.08 2.42
CA LEU A 23 -4.00 1.05 2.82
C LEU A 23 -4.34 2.06 3.93
N LYS A 24 -3.31 2.74 4.49
CA LYS A 24 -3.41 3.85 5.45
C LYS A 24 -3.01 5.21 4.84
N HIS A 25 -2.28 5.19 3.72
CA HIS A 25 -1.54 6.37 3.19
C HIS A 25 -1.53 6.58 1.66
N CYS A 26 -2.05 5.69 0.80
CA CYS A 26 -1.87 5.71 -0.67
C CYS A 26 -0.42 5.50 -1.17
N LYS A 27 0.56 5.36 -0.29
CA LYS A 27 2.01 5.27 -0.60
C LYS A 27 2.57 3.90 -0.24
N CYS A 28 3.57 3.43 -0.99
CA CYS A 28 4.41 2.31 -0.58
C CYS A 28 5.41 2.77 0.50
N ILE A 29 5.73 1.88 1.44
CA ILE A 29 6.30 2.28 2.74
C ILE A 29 7.73 2.87 2.66
N PRO A 30 8.00 4.04 3.27
CA PRO A 30 9.35 4.59 3.40
C PRO A 30 10.01 4.14 4.72
N ARG A 31 11.27 3.68 4.64
CA ARG A 31 12.09 3.15 5.75
C ARG A 31 13.57 3.11 5.39
N GLY A 1 -3.18 8.80 6.51
CA GLY A 1 -4.37 9.49 5.96
C GLY A 1 -5.50 8.52 5.70
N SER A 2 -5.78 8.21 4.43
CA SER A 2 -6.70 7.13 4.01
C SER A 2 -6.23 6.41 2.73
N GLY A 3 -6.71 5.18 2.52
CA GLY A 3 -6.21 4.27 1.49
C GLY A 3 -6.66 4.58 0.06
N CYS A 4 -5.87 4.11 -0.90
CA CYS A 4 -6.12 4.28 -2.33
C CYS A 4 -6.88 3.09 -2.94
N MET A 5 -6.19 2.05 -3.43
CA MET A 5 -6.79 0.80 -3.93
C MET A 5 -5.86 -0.39 -3.68
N LYS A 6 -6.43 -1.51 -3.24
CA LYS A 6 -5.71 -2.77 -2.96
C LYS A 6 -4.90 -3.27 -4.16
N GLU A 7 -5.46 -3.15 -5.37
CA GLU A 7 -4.80 -3.49 -6.63
C GLU A 7 -3.60 -2.59 -6.95
N TYR A 8 -3.66 -1.29 -6.65
CA TYR A 8 -2.51 -0.39 -6.81
C TYR A 8 -1.43 -0.69 -5.77
N CYS A 9 -1.83 -0.92 -4.52
CA CYS A 9 -0.94 -1.28 -3.43
C CYS A 9 -0.22 -2.62 -3.67
N ALA A 10 -0.91 -3.64 -4.21
CA ALA A 10 -0.29 -4.90 -4.66
C ALA A 10 0.52 -4.72 -5.96
N GLY A 11 0.15 -3.76 -6.81
CA GLY A 11 0.89 -3.42 -8.02
C GLY A 11 2.28 -2.83 -7.73
N GLN A 12 2.36 -1.90 -6.77
CA GLN A 12 3.58 -1.12 -6.46
C GLN A 12 4.38 -1.67 -5.27
N CYS A 13 3.70 -2.04 -4.17
CA CYS A 13 4.34 -2.29 -2.88
C CYS A 13 4.51 -3.79 -2.63
N ARG A 14 5.50 -4.18 -1.80
CA ARG A 14 5.76 -5.59 -1.45
C ARG A 14 6.07 -5.81 0.02
N GLY A 15 5.61 -6.95 0.53
CA GLY A 15 5.49 -7.24 1.95
C GLY A 15 4.11 -6.84 2.47
N LYS A 16 3.54 -7.67 3.35
CA LYS A 16 2.16 -7.53 3.86
C LYS A 16 1.91 -6.24 4.64
N VAL A 17 2.96 -5.61 5.17
CA VAL A 17 2.91 -4.33 5.90
C VAL A 17 3.04 -3.14 4.95
N SER A 18 3.87 -3.25 3.93
CA SER A 18 4.05 -2.24 2.88
C SER A 18 2.80 -2.08 2.03
N GLN A 19 2.21 -3.20 1.59
CA GLN A 19 0.89 -3.20 0.93
C GLN A 19 -0.25 -2.67 1.83
N ASP A 20 -0.14 -2.80 3.16
CA ASP A 20 -1.11 -2.25 4.13
C ASP A 20 -0.87 -0.76 4.45
N TYR A 21 0.39 -0.30 4.47
CA TYR A 21 0.72 1.14 4.62
C TYR A 21 0.13 1.95 3.46
N CYS A 22 0.06 1.38 2.26
CA CYS A 22 -0.58 2.03 1.10
C CYS A 22 -2.11 2.16 1.26
N LEU A 23 -2.73 1.27 2.05
CA LEU A 23 -4.12 1.33 2.50
C LEU A 23 -4.36 2.31 3.66
N LYS A 24 -3.30 2.86 4.26
CA LYS A 24 -3.33 3.96 5.23
C LYS A 24 -2.94 5.31 4.61
N HIS A 25 -2.15 5.31 3.53
CA HIS A 25 -1.39 6.50 3.09
C HIS A 25 -1.28 6.74 1.56
N CYS A 26 -1.90 5.94 0.68
CA CYS A 26 -1.84 6.12 -0.79
C CYS A 26 -0.43 6.07 -1.45
N LYS A 27 0.60 5.69 -0.69
CA LYS A 27 1.97 5.42 -1.16
C LYS A 27 2.57 4.17 -0.51
N CYS A 28 3.63 3.63 -1.10
CA CYS A 28 4.40 2.55 -0.50
C CYS A 28 5.28 3.02 0.66
N ILE A 29 5.66 2.09 1.55
CA ILE A 29 6.31 2.39 2.82
C ILE A 29 7.80 2.79 2.66
N PRO A 30 8.31 3.81 3.38
CA PRO A 30 9.72 4.24 3.35
C PRO A 30 10.73 3.17 3.78
N ARG A 31 12.01 3.42 3.48
CA ARG A 31 13.16 2.51 3.69
C ARG A 31 14.41 3.23 4.18
N GLY A 1 -10.87 -1.96 4.61
CA GLY A 1 -11.04 -0.75 3.80
C GLY A 1 -10.21 -0.84 2.53
N SER A 2 -10.61 -0.13 1.47
CA SER A 2 -9.92 -0.14 0.17
C SER A 2 -8.64 0.74 0.12
N GLY A 3 -8.44 1.63 1.11
CA GLY A 3 -7.29 2.52 1.18
C GLY A 3 -7.14 3.38 -0.07
N CYS A 4 -5.96 3.31 -0.71
CA CYS A 4 -5.75 3.82 -2.05
C CYS A 4 -6.56 3.01 -3.08
N MET A 5 -6.10 1.80 -3.43
CA MET A 5 -6.88 0.69 -4.02
C MET A 5 -6.10 -0.61 -3.71
N LYS A 6 -6.78 -1.74 -3.44
CA LYS A 6 -6.09 -3.00 -3.12
C LYS A 6 -5.15 -3.47 -4.23
N GLU A 7 -5.62 -3.42 -5.49
CA GLU A 7 -4.83 -3.82 -6.67
C GLU A 7 -3.65 -2.88 -6.96
N TYR A 8 -3.81 -1.57 -6.73
CA TYR A 8 -2.74 -0.57 -6.89
C TYR A 8 -1.62 -0.81 -5.87
N CYS A 9 -1.98 -1.00 -4.60
CA CYS A 9 -1.03 -1.29 -3.54
C CYS A 9 -0.33 -2.65 -3.74
N ALA A 10 -1.05 -3.69 -4.19
CA ALA A 10 -0.47 -4.99 -4.54
C ALA A 10 0.47 -4.92 -5.77
N GLY A 11 0.18 -4.05 -6.73
CA GLY A 11 0.99 -3.83 -7.93
C GLY A 11 2.26 -3.02 -7.67
N GLN A 12 2.16 -1.90 -6.94
CA GLN A 12 3.31 -1.01 -6.66
C GLN A 12 4.17 -1.49 -5.49
N CYS A 13 3.54 -1.97 -4.41
CA CYS A 13 4.18 -2.26 -3.13
C CYS A 13 4.25 -3.78 -2.83
N ARG A 14 5.03 -4.19 -1.82
CA ARG A 14 5.27 -5.61 -1.46
C ARG A 14 5.18 -5.90 0.05
N GLY A 15 5.62 -7.08 0.48
CA GLY A 15 5.92 -7.46 1.87
C GLY A 15 4.74 -7.54 2.85
N LYS A 16 3.51 -7.39 2.33
CA LYS A 16 2.19 -7.21 2.99
C LYS A 16 2.09 -5.96 3.88
N VAL A 17 3.20 -5.54 4.47
CA VAL A 17 3.37 -4.33 5.28
C VAL A 17 3.46 -3.05 4.45
N SER A 18 4.20 -3.04 3.34
CA SER A 18 4.23 -1.86 2.45
C SER A 18 2.89 -1.70 1.71
N GLN A 19 2.27 -2.82 1.33
CA GLN A 19 0.87 -2.87 0.89
C GLN A 19 -0.11 -2.34 1.97
N ASP A 20 0.09 -2.68 3.25
CA ASP A 20 -0.74 -2.19 4.37
C ASP A 20 -0.56 -0.69 4.61
N TYR A 21 0.68 -0.19 4.55
CA TYR A 21 0.96 1.25 4.59
C TYR A 21 0.34 1.99 3.41
N CYS A 22 0.34 1.41 2.21
CA CYS A 22 -0.31 1.99 1.03
C CYS A 22 -1.85 2.03 1.19
N LEU A 23 -2.42 1.09 1.93
CA LEU A 23 -3.81 1.06 2.38
C LEU A 23 -4.16 2.07 3.49
N LYS A 24 -3.15 2.72 4.08
CA LYS A 24 -3.27 3.84 5.04
C LYS A 24 -2.88 5.21 4.47
N HIS A 25 -2.07 5.24 3.40
CA HIS A 25 -1.33 6.44 2.95
C HIS A 25 -1.20 6.67 1.43
N CYS A 26 -1.71 5.79 0.54
CA CYS A 26 -1.47 5.85 -0.91
C CYS A 26 0.01 5.79 -1.38
N LYS A 27 0.95 5.42 -0.50
CA LYS A 27 2.40 5.29 -0.81
C LYS A 27 2.99 3.99 -0.25
N CYS A 28 4.04 3.51 -0.89
CA CYS A 28 4.83 2.41 -0.33
C CYS A 28 5.62 2.90 0.89
N ILE A 29 5.90 2.01 1.84
CA ILE A 29 6.33 2.39 3.20
C ILE A 29 7.74 3.04 3.23
N PRO A 30 7.96 4.14 4.00
CA PRO A 30 9.28 4.71 4.24
C PRO A 30 10.25 3.76 4.94
N ARG A 31 11.55 3.97 4.74
CA ARG A 31 12.67 3.24 5.38
C ARG A 31 13.71 4.17 6.00
N GLY A 1 -13.99 0.80 -1.06
CA GLY A 1 -12.88 -0.16 -0.94
C GLY A 1 -11.94 0.21 0.19
N SER A 2 -11.21 -0.77 0.72
CA SER A 2 -10.16 -0.54 1.71
C SER A 2 -8.97 0.19 1.07
N GLY A 3 -8.61 1.34 1.65
CA GLY A 3 -7.53 2.20 1.18
C GLY A 3 -7.69 2.77 -0.23
N CYS A 4 -6.56 3.26 -0.79
CA CYS A 4 -6.49 3.95 -2.07
C CYS A 4 -6.91 3.07 -3.26
N MET A 5 -6.31 1.87 -3.39
CA MET A 5 -6.82 0.67 -4.06
C MET A 5 -5.88 -0.50 -3.74
N LYS A 6 -6.42 -1.69 -3.46
CA LYS A 6 -5.60 -2.87 -3.15
C LYS A 6 -4.77 -3.31 -4.35
N GLU A 7 -5.37 -3.30 -5.54
CA GLU A 7 -4.75 -3.69 -6.80
C GLU A 7 -3.57 -2.77 -7.17
N TYR A 8 -3.70 -1.47 -6.91
CA TYR A 8 -2.66 -0.47 -7.10
C TYR A 8 -1.48 -0.71 -6.15
N CYS A 9 -1.76 -0.87 -4.86
CA CYS A 9 -0.73 -1.14 -3.85
C CYS A 9 0.01 -2.46 -4.12
N ALA A 10 -0.69 -3.55 -4.46
CA ALA A 10 -0.10 -4.85 -4.77
C ALA A 10 0.59 -4.90 -6.15
N GLY A 11 0.20 -4.04 -7.09
CA GLY A 11 0.92 -3.84 -8.35
C GLY A 11 2.27 -3.17 -8.14
N GLN A 12 2.30 -2.07 -7.38
CA GLN A 12 3.50 -1.28 -7.12
C GLN A 12 4.50 -1.98 -6.17
N CYS A 13 4.04 -2.49 -5.01
CA CYS A 13 4.88 -2.86 -3.88
C CYS A 13 4.43 -4.14 -3.15
N ARG A 14 5.36 -4.80 -2.44
CA ARG A 14 5.07 -5.97 -1.60
C ARG A 14 5.87 -5.95 -0.29
N GLY A 15 5.63 -6.96 0.54
CA GLY A 15 5.78 -6.86 1.99
C GLY A 15 4.40 -6.51 2.56
N LYS A 16 3.88 -7.33 3.49
CA LYS A 16 2.54 -7.15 4.07
C LYS A 16 2.34 -5.73 4.62
N VAL A 17 3.39 -5.16 5.22
CA VAL A 17 3.36 -3.86 5.89
C VAL A 17 3.57 -2.70 4.90
N SER A 18 4.32 -2.89 3.81
CA SER A 18 4.37 -1.92 2.70
C SER A 18 3.00 -1.77 2.03
N GLN A 19 2.31 -2.89 1.76
CA GLN A 19 0.91 -2.83 1.33
C GLN A 19 -0.03 -2.21 2.39
N ASP A 20 0.20 -2.41 3.69
CA ASP A 20 -0.63 -1.84 4.76
C ASP A 20 -0.49 -0.31 4.88
N TYR A 21 0.75 0.20 4.79
CA TYR A 21 1.00 1.64 4.72
C TYR A 21 0.36 2.27 3.48
N CYS A 22 0.35 1.55 2.35
CA CYS A 22 -0.29 2.00 1.11
C CYS A 22 -1.82 2.00 1.21
N LEU A 23 -2.38 1.07 1.98
CA LEU A 23 -3.80 1.09 2.35
C LEU A 23 -4.17 2.24 3.28
N LYS A 24 -3.24 2.80 4.07
CA LYS A 24 -3.49 3.95 4.97
C LYS A 24 -3.20 5.32 4.34
N HIS A 25 -2.21 5.38 3.45
CA HIS A 25 -1.59 6.64 2.99
C HIS A 25 -1.45 6.76 1.46
N CYS A 26 -1.93 5.79 0.68
CA CYS A 26 -1.74 5.66 -0.78
C CYS A 26 -0.26 5.49 -1.24
N LYS A 27 0.66 5.34 -0.28
CA LYS A 27 2.13 5.28 -0.48
C LYS A 27 2.70 4.00 0.10
N CYS A 28 3.69 3.43 -0.56
CA CYS A 28 4.46 2.31 -0.03
C CYS A 28 5.30 2.76 1.17
N ILE A 29 5.59 1.84 2.09
CA ILE A 29 6.22 2.22 3.37
C ILE A 29 7.67 2.72 3.15
N PRO A 30 8.05 3.88 3.73
CA PRO A 30 9.44 4.33 3.70
C PRO A 30 10.28 3.51 4.69
N ARG A 31 11.48 3.07 4.26
CA ARG A 31 12.44 2.27 5.04
C ARG A 31 13.82 2.92 5.06
N GLY A 1 -14.27 2.06 0.59
CA GLY A 1 -12.88 2.52 0.64
C GLY A 1 -11.95 1.38 0.98
N SER A 2 -11.30 0.79 -0.01
CA SER A 2 -10.39 -0.36 0.17
C SER A 2 -9.00 0.05 0.67
N GLY A 3 -8.54 1.23 0.25
CA GLY A 3 -7.21 1.79 0.54
C GLY A 3 -6.14 1.36 -0.46
N CYS A 4 -5.36 2.26 -1.05
CA CYS A 4 -5.92 3.48 -1.66
C CYS A 4 -6.91 3.04 -2.75
N MET A 5 -6.41 2.24 -3.69
CA MET A 5 -7.08 1.03 -4.17
C MET A 5 -6.15 -0.18 -3.96
N LYS A 6 -6.70 -1.32 -3.54
CA LYS A 6 -5.96 -2.50 -3.05
C LYS A 6 -5.06 -3.12 -4.12
N GLU A 7 -5.57 -3.24 -5.34
CA GLU A 7 -4.86 -3.84 -6.47
C GLU A 7 -3.73 -2.93 -6.98
N TYR A 8 -3.93 -1.61 -6.95
CA TYR A 8 -2.87 -0.62 -7.21
C TYR A 8 -1.75 -0.70 -6.17
N CYS A 9 -2.10 -0.82 -4.88
CA CYS A 9 -1.13 -0.96 -3.81
C CYS A 9 -0.28 -2.25 -3.92
N ALA A 10 -0.84 -3.35 -4.45
CA ALA A 10 -0.07 -4.57 -4.75
C ALA A 10 0.85 -4.44 -6.00
N GLY A 11 0.54 -3.52 -6.92
CA GLY A 11 1.42 -3.13 -8.03
C GLY A 11 2.54 -2.17 -7.61
N GLN A 12 2.31 -1.36 -6.58
CA GLN A 12 3.26 -0.38 -6.03
C GLN A 12 4.18 -0.93 -4.94
N CYS A 13 3.73 -1.94 -4.19
CA CYS A 13 4.33 -2.33 -2.92
C CYS A 13 4.10 -3.83 -2.59
N ARG A 14 5.04 -4.48 -1.90
CA ARG A 14 4.92 -5.89 -1.46
C ARG A 14 5.61 -6.20 -0.13
N GLY A 15 5.20 -7.32 0.47
CA GLY A 15 5.15 -7.46 1.93
C GLY A 15 3.82 -6.89 2.46
N LYS A 16 3.18 -7.61 3.38
CA LYS A 16 1.84 -7.28 3.90
C LYS A 16 1.79 -5.99 4.70
N VAL A 17 2.89 -5.63 5.37
CA VAL A 17 3.06 -4.36 6.11
C VAL A 17 3.28 -3.19 5.16
N SER A 18 4.03 -3.42 4.07
CA SER A 18 4.25 -2.47 2.99
C SER A 18 2.94 -2.15 2.27
N GLN A 19 2.15 -3.18 1.89
CA GLN A 19 0.80 -2.99 1.36
C GLN A 19 -0.15 -2.36 2.38
N ASP A 20 -0.09 -2.75 3.67
CA ASP A 20 -0.87 -2.12 4.75
C ASP A 20 -0.60 -0.62 4.89
N TYR A 21 0.67 -0.20 4.77
CA TYR A 21 1.03 1.22 4.69
C TYR A 21 0.40 1.90 3.47
N CYS A 22 0.40 1.27 2.29
CA CYS A 22 -0.22 1.84 1.09
C CYS A 22 -1.74 1.94 1.22
N LEU A 23 -2.37 0.97 1.91
CA LEU A 23 -3.78 0.98 2.27
C LEU A 23 -4.15 2.05 3.32
N LYS A 24 -3.15 2.64 3.99
CA LYS A 24 -3.29 3.77 4.93
C LYS A 24 -2.93 5.11 4.29
N HIS A 25 -2.00 5.13 3.34
CA HIS A 25 -1.26 6.34 2.94
C HIS A 25 -1.15 6.60 1.42
N CYS A 26 -1.68 5.73 0.56
CA CYS A 26 -1.63 5.87 -0.91
C CYS A 26 -0.22 5.87 -1.55
N LYS A 27 0.82 5.46 -0.82
CA LYS A 27 2.17 5.21 -1.36
C LYS A 27 2.82 4.00 -0.69
N CYS A 28 3.86 3.45 -1.32
CA CYS A 28 4.68 2.41 -0.71
C CYS A 28 5.51 2.97 0.47
N ILE A 29 5.84 2.07 1.40
CA ILE A 29 6.35 2.39 2.74
C ILE A 29 7.73 3.10 2.71
N PRO A 30 7.96 4.18 3.48
CA PRO A 30 9.24 4.89 3.53
C PRO A 30 10.38 4.04 4.10
N ARG A 31 11.50 4.02 3.39
CA ARG A 31 12.71 3.20 3.62
C ARG A 31 13.99 3.91 3.19
N GLY A 1 -4.67 8.47 8.15
CA GLY A 1 -4.93 8.54 6.70
C GLY A 1 -5.72 7.33 6.24
N SER A 2 -6.35 7.42 5.05
CA SER A 2 -7.14 6.33 4.45
C SER A 2 -6.49 5.73 3.19
N GLY A 3 -6.85 4.49 2.89
CA GLY A 3 -6.30 3.71 1.77
C GLY A 3 -6.89 4.06 0.42
N CYS A 4 -6.13 3.74 -0.64
CA CYS A 4 -6.51 3.93 -2.04
C CYS A 4 -7.20 2.66 -2.59
N MET A 5 -6.46 1.74 -3.20
CA MET A 5 -6.97 0.42 -3.64
C MET A 5 -5.89 -0.66 -3.46
N LYS A 6 -6.30 -1.85 -3.02
CA LYS A 6 -5.47 -3.05 -2.87
C LYS A 6 -4.76 -3.40 -4.18
N GLU A 7 -5.45 -3.32 -5.31
CA GLU A 7 -4.87 -3.61 -6.65
C GLU A 7 -3.69 -2.70 -7.01
N TYR A 8 -3.82 -1.39 -6.75
CA TYR A 8 -2.75 -0.42 -6.97
C TYR A 8 -1.62 -0.64 -5.96
N CYS A 9 -1.96 -0.81 -4.69
CA CYS A 9 -1.02 -1.01 -3.59
C CYS A 9 -0.21 -2.31 -3.71
N ALA A 10 -0.77 -3.39 -4.25
CA ALA A 10 -0.08 -4.67 -4.43
C ALA A 10 0.83 -4.72 -5.67
N GLY A 11 0.68 -3.77 -6.60
CA GLY A 11 1.65 -3.51 -7.68
C GLY A 11 2.78 -2.57 -7.24
N GLN A 12 2.42 -1.45 -6.61
CA GLN A 12 3.38 -0.43 -6.16
C GLN A 12 4.23 -0.85 -4.95
N CYS A 13 3.72 -1.77 -4.11
CA CYS A 13 4.35 -2.13 -2.83
C CYS A 13 4.15 -3.63 -2.49
N ARG A 14 5.13 -4.26 -1.84
CA ARG A 14 5.21 -5.72 -1.66
C ARG A 14 5.59 -6.15 -0.24
N GLY A 15 5.02 -7.26 0.21
CA GLY A 15 4.99 -7.67 1.63
C GLY A 15 3.78 -7.07 2.34
N LYS A 16 3.25 -7.81 3.33
CA LYS A 16 1.92 -7.54 3.94
C LYS A 16 1.85 -6.14 4.58
N VAL A 17 2.92 -5.72 5.25
CA VAL A 17 3.01 -4.42 5.94
C VAL A 17 3.19 -3.24 4.99
N SER A 18 3.88 -3.47 3.89
CA SER A 18 4.20 -2.50 2.85
C SER A 18 2.96 -2.17 2.05
N GLN A 19 2.23 -3.22 1.64
CA GLN A 19 0.86 -3.08 1.13
C GLN A 19 -0.08 -2.39 2.15
N ASP A 20 0.03 -2.71 3.44
CA ASP A 20 -0.78 -2.13 4.52
C ASP A 20 -0.51 -0.64 4.75
N TYR A 21 0.74 -0.18 4.54
CA TYR A 21 1.09 1.25 4.50
C TYR A 21 0.34 2.00 3.39
N CYS A 22 0.31 1.43 2.18
CA CYS A 22 -0.39 2.03 1.04
C CYS A 22 -1.92 2.09 1.26
N LEU A 23 -2.45 1.15 2.05
CA LEU A 23 -3.82 1.14 2.56
C LEU A 23 -4.11 2.17 3.68
N LYS A 24 -3.14 3.01 4.06
CA LYS A 24 -3.32 4.20 4.92
C LYS A 24 -2.80 5.50 4.31
N HIS A 25 -2.00 5.42 3.25
CA HIS A 25 -1.22 6.56 2.72
C HIS A 25 -1.21 6.69 1.18
N CYS A 26 -1.83 5.78 0.42
CA CYS A 26 -1.79 5.74 -1.05
C CYS A 26 -0.37 5.59 -1.69
N LYS A 27 0.68 5.38 -0.88
CA LYS A 27 2.09 5.25 -1.31
C LYS A 27 2.76 4.03 -0.69
N CYS A 28 3.92 3.64 -1.20
CA CYS A 28 4.72 2.58 -0.58
C CYS A 28 5.39 3.05 0.73
N ILE A 29 5.81 2.09 1.56
CA ILE A 29 6.32 2.26 2.94
C ILE A 29 7.70 2.97 2.98
N PRO A 30 8.06 3.75 4.04
CA PRO A 30 9.19 4.68 4.02
C PRO A 30 10.56 4.08 3.68
N ARG A 31 11.22 4.64 2.65
CA ARG A 31 12.58 4.29 2.20
C ARG A 31 13.26 5.45 1.45
N GLY A 1 -10.91 4.41 -3.85
CA GLY A 1 -11.24 3.01 -3.57
C GLY A 1 -10.77 2.61 -2.18
N SER A 2 -10.54 1.32 -1.98
CA SER A 2 -10.12 0.75 -0.69
C SER A 2 -8.69 1.15 -0.33
N GLY A 3 -8.54 2.00 0.69
CA GLY A 3 -7.26 2.66 1.03
C GLY A 3 -6.89 3.70 -0.01
N CYS A 4 -6.40 3.23 -1.16
CA CYS A 4 -6.39 3.98 -2.41
C CYS A 4 -7.11 3.11 -3.47
N MET A 5 -6.46 2.00 -3.87
CA MET A 5 -7.11 0.75 -4.28
C MET A 5 -6.23 -0.41 -3.81
N LYS A 6 -6.80 -1.58 -3.49
CA LYS A 6 -6.01 -2.77 -3.14
C LYS A 6 -5.12 -3.21 -4.31
N GLU A 7 -5.65 -3.22 -5.53
CA GLU A 7 -4.92 -3.59 -6.74
C GLU A 7 -3.75 -2.64 -7.04
N TYR A 8 -3.95 -1.33 -6.87
CA TYR A 8 -2.92 -0.30 -6.99
C TYR A 8 -1.80 -0.53 -5.97
N CYS A 9 -2.15 -0.69 -4.69
CA CYS A 9 -1.18 -0.93 -3.63
C CYS A 9 -0.44 -2.27 -3.75
N ALA A 10 -1.11 -3.33 -4.20
CA ALA A 10 -0.50 -4.65 -4.41
C ALA A 10 0.51 -4.65 -5.58
N GLY A 11 0.22 -3.90 -6.65
CA GLY A 11 1.14 -3.70 -7.77
C GLY A 11 2.35 -2.84 -7.41
N GLN A 12 2.10 -1.66 -6.84
CA GLN A 12 3.14 -0.67 -6.50
C GLN A 12 4.08 -1.16 -5.37
N CYS A 13 3.54 -1.83 -4.35
CA CYS A 13 4.25 -2.14 -3.09
C CYS A 13 4.17 -3.64 -2.75
N ARG A 14 5.14 -4.19 -2.00
CA ARG A 14 5.15 -5.60 -1.59
C ARG A 14 5.91 -5.91 -0.29
N GLY A 15 5.56 -7.06 0.28
CA GLY A 15 5.54 -7.26 1.73
C GLY A 15 4.20 -6.79 2.28
N LYS A 16 3.59 -7.56 3.17
CA LYS A 16 2.22 -7.30 3.65
C LYS A 16 2.09 -5.96 4.38
N VAL A 17 3.11 -5.57 5.16
CA VAL A 17 3.14 -4.30 5.90
C VAL A 17 3.36 -3.10 4.96
N SER A 18 4.10 -3.30 3.88
CA SER A 18 4.30 -2.32 2.81
C SER A 18 3.00 -2.03 2.07
N GLN A 19 2.21 -3.07 1.76
CA GLN A 19 0.86 -2.93 1.22
C GLN A 19 -0.14 -2.34 2.24
N ASP A 20 -0.09 -2.75 3.51
CA ASP A 20 -0.96 -2.25 4.59
C ASP A 20 -0.70 -0.76 4.93
N TYR A 21 0.53 -0.29 4.76
CA TYR A 21 0.86 1.15 4.77
C TYR A 21 0.24 1.89 3.58
N CYS A 22 0.27 1.29 2.38
CA CYS A 22 -0.32 1.91 1.18
C CYS A 22 -1.85 2.00 1.31
N LEU A 23 -2.48 1.07 2.04
CA LEU A 23 -3.88 1.14 2.43
C LEU A 23 -4.22 2.29 3.41
N LYS A 24 -3.22 2.96 4.00
CA LYS A 24 -3.37 4.21 4.76
C LYS A 24 -2.93 5.46 3.96
N HIS A 25 -1.97 5.30 3.04
CA HIS A 25 -1.19 6.42 2.49
C HIS A 25 -1.17 6.57 0.96
N CYS A 26 -1.72 5.62 0.18
CA CYS A 26 -1.56 5.53 -1.28
C CYS A 26 -0.09 5.45 -1.78
N LYS A 27 0.88 5.23 -0.89
CA LYS A 27 2.33 5.21 -1.16
C LYS A 27 2.96 3.97 -0.54
N CYS A 28 4.12 3.56 -1.03
CA CYS A 28 4.89 2.49 -0.38
C CYS A 28 5.56 2.96 0.92
N ILE A 29 5.87 2.01 1.81
CA ILE A 29 6.32 2.29 3.18
C ILE A 29 7.75 2.85 3.24
N PRO A 30 8.03 3.88 4.06
CA PRO A 30 9.37 4.21 4.52
C PRO A 30 9.85 3.14 5.51
N ARG A 31 10.82 2.32 5.10
CA ARG A 31 11.43 1.22 5.89
C ARG A 31 12.93 1.06 5.65
N GLY A 1 -5.28 7.91 5.91
CA GLY A 1 -6.54 7.81 5.16
C GLY A 1 -6.98 6.36 5.04
N SER A 2 -8.22 6.14 4.61
CA SER A 2 -8.90 4.82 4.55
C SER A 2 -8.47 3.93 3.36
N GLY A 3 -7.24 4.07 2.89
CA GLY A 3 -6.67 3.42 1.71
C GLY A 3 -7.10 4.04 0.38
N CYS A 4 -6.81 3.32 -0.71
CA CYS A 4 -7.03 3.74 -2.09
C CYS A 4 -7.64 2.58 -2.90
N MET A 5 -6.79 1.66 -3.40
CA MET A 5 -7.17 0.34 -3.93
C MET A 5 -6.02 -0.64 -3.67
N LYS A 6 -6.33 -1.86 -3.20
CA LYS A 6 -5.31 -2.90 -2.95
C LYS A 6 -4.67 -3.45 -4.22
N GLU A 7 -5.37 -3.42 -5.36
CA GLU A 7 -4.83 -3.71 -6.68
C GLU A 7 -3.75 -2.70 -7.11
N TYR A 8 -3.99 -1.40 -6.86
CA TYR A 8 -3.02 -0.34 -7.15
C TYR A 8 -1.83 -0.40 -6.19
N CYS A 9 -2.10 -0.61 -4.90
CA CYS A 9 -1.08 -0.81 -3.89
C CYS A 9 -0.20 -2.04 -4.15
N ALA A 10 -0.74 -3.14 -4.66
CA ALA A 10 0.02 -4.31 -5.10
C ALA A 10 0.91 -4.03 -6.33
N GLY A 11 0.54 -3.03 -7.16
CA GLY A 11 1.38 -2.52 -8.25
C GLY A 11 2.54 -1.64 -7.79
N GLN A 12 2.45 -1.05 -6.60
CA GLN A 12 3.48 -0.18 -5.99
C GLN A 12 4.36 -0.90 -4.95
N CYS A 13 3.83 -1.92 -4.28
CA CYS A 13 4.34 -2.39 -2.99
C CYS A 13 3.96 -3.85 -2.68
N ARG A 14 4.84 -4.59 -2.00
CA ARG A 14 4.58 -5.96 -1.52
C ARG A 14 5.27 -6.32 -0.20
N GLY A 15 4.78 -7.38 0.43
CA GLY A 15 4.89 -7.61 1.87
C GLY A 15 3.67 -7.02 2.60
N LYS A 16 3.24 -7.70 3.67
CA LYS A 16 2.01 -7.40 4.42
C LYS A 16 1.99 -5.95 4.93
N VAL A 17 3.06 -5.52 5.58
CA VAL A 17 3.18 -4.21 6.24
C VAL A 17 3.41 -3.09 5.23
N SER A 18 4.12 -3.40 4.15
CA SER A 18 4.32 -2.52 3.00
C SER A 18 2.99 -2.19 2.30
N GLN A 19 2.17 -3.21 2.00
CA GLN A 19 0.81 -2.99 1.49
C GLN A 19 -0.14 -2.36 2.51
N ASP A 20 -0.03 -2.71 3.79
CA ASP A 20 -0.80 -2.09 4.87
C ASP A 20 -0.53 -0.58 4.98
N TYR A 21 0.73 -0.15 4.83
CA TYR A 21 1.08 1.28 4.71
C TYR A 21 0.43 1.94 3.50
N CYS A 22 0.34 1.25 2.35
CA CYS A 22 -0.32 1.80 1.17
C CYS A 22 -1.84 1.89 1.34
N LEU A 23 -2.43 1.00 2.13
CA LEU A 23 -3.82 1.06 2.59
C LEU A 23 -4.07 2.09 3.73
N LYS A 24 -3.03 2.81 4.14
CA LYS A 24 -3.09 3.97 5.05
C LYS A 24 -2.75 5.31 4.35
N HIS A 25 -2.04 5.24 3.22
CA HIS A 25 -1.34 6.40 2.62
C HIS A 25 -1.33 6.47 1.07
N CYS A 26 -1.88 5.49 0.34
CA CYS A 26 -1.90 5.39 -1.13
C CYS A 26 -0.53 5.30 -1.83
N LYS A 27 0.50 4.92 -1.08
CA LYS A 27 1.92 4.81 -1.52
C LYS A 27 2.69 3.73 -0.74
N CYS A 28 3.82 3.31 -1.27
CA CYS A 28 4.68 2.32 -0.62
C CYS A 28 5.47 2.90 0.57
N ILE A 29 5.84 2.00 1.49
CA ILE A 29 6.38 2.30 2.82
C ILE A 29 7.79 2.94 2.78
N PRO A 30 8.07 4.03 3.52
CA PRO A 30 9.38 4.65 3.58
C PRO A 30 10.31 3.87 4.53
N ARG A 31 10.77 2.71 4.05
CA ARG A 31 11.89 1.92 4.60
C ARG A 31 12.70 1.18 3.52
N GLY A 1 -6.27 6.76 5.48
CA GLY A 1 -7.50 6.17 6.02
C GLY A 1 -7.31 4.67 6.19
N SER A 2 -8.17 3.86 5.58
CA SER A 2 -8.13 2.39 5.67
C SER A 2 -7.71 1.69 4.36
N GLY A 3 -7.79 2.39 3.23
CA GLY A 3 -7.40 1.89 1.92
C GLY A 3 -7.23 3.02 0.89
N CYS A 4 -6.53 2.76 -0.20
CA CYS A 4 -6.52 3.64 -1.36
C CYS A 4 -7.25 2.93 -2.52
N MET A 5 -6.54 2.07 -3.26
CA MET A 5 -7.10 1.07 -4.16
C MET A 5 -6.32 -0.24 -4.00
N LYS A 6 -7.01 -1.35 -3.73
CA LYS A 6 -6.38 -2.59 -3.26
C LYS A 6 -5.47 -3.28 -4.29
N GLU A 7 -5.71 -3.10 -5.59
CA GLU A 7 -4.82 -3.56 -6.67
C GLU A 7 -3.63 -2.63 -6.93
N TYR A 8 -3.80 -1.33 -6.69
CA TYR A 8 -2.77 -0.31 -6.91
C TYR A 8 -1.58 -0.50 -5.94
N CYS A 9 -1.88 -0.80 -4.67
CA CYS A 9 -0.85 -1.12 -3.68
C CYS A 9 -0.22 -2.51 -3.91
N ALA A 10 -1.02 -3.53 -4.19
CA ALA A 10 -0.54 -4.91 -4.40
C ALA A 10 0.32 -5.09 -5.66
N GLY A 11 0.11 -4.27 -6.70
CA GLY A 11 0.91 -4.28 -7.93
C GLY A 11 2.25 -3.56 -7.78
N GLN A 12 2.25 -2.37 -7.17
CA GLN A 12 3.46 -1.54 -7.04
C GLN A 12 4.48 -2.11 -6.05
N CYS A 13 4.04 -2.45 -4.84
CA CYS A 13 4.91 -2.69 -3.67
C CYS A 13 4.56 -4.01 -2.98
N ARG A 14 5.51 -4.58 -2.22
CA ARG A 14 5.37 -5.89 -1.56
C ARG A 14 6.05 -5.97 -0.19
N GLY A 15 5.72 -7.03 0.53
CA GLY A 15 5.64 -7.03 1.98
C GLY A 15 4.21 -6.63 2.37
N LYS A 16 3.57 -7.43 3.23
CA LYS A 16 2.15 -7.29 3.56
C LYS A 16 1.86 -6.02 4.36
N VAL A 17 2.89 -5.50 5.06
CA VAL A 17 2.87 -4.23 5.81
C VAL A 17 3.28 -3.05 4.92
N SER A 18 4.10 -3.26 3.88
CA SER A 18 4.30 -2.25 2.80
C SER A 18 2.98 -1.98 2.09
N GLN A 19 2.29 -3.06 1.68
CA GLN A 19 0.94 -2.98 1.13
C GLN A 19 -0.07 -2.36 2.12
N ASP A 20 -0.04 -2.70 3.41
CA ASP A 20 -0.88 -2.08 4.45
C ASP A 20 -0.63 -0.57 4.62
N TYR A 21 0.63 -0.13 4.57
CA TYR A 21 0.98 1.29 4.65
C TYR A 21 0.49 2.05 3.43
N CYS A 22 0.53 1.43 2.24
CA CYS A 22 -0.06 2.00 1.02
C CYS A 22 -1.60 2.01 1.06
N LEU A 23 -2.22 1.05 1.71
CA LEU A 23 -3.65 1.13 2.04
C LEU A 23 -3.94 2.32 2.98
N LYS A 24 -3.18 2.49 4.06
CA LYS A 24 -3.37 3.60 5.02
C LYS A 24 -3.04 5.00 4.47
N HIS A 25 -2.08 5.11 3.55
CA HIS A 25 -1.47 6.40 3.16
C HIS A 25 -1.31 6.62 1.64
N CYS A 26 -1.77 5.70 0.79
CA CYS A 26 -1.66 5.73 -0.69
C CYS A 26 -0.22 5.85 -1.28
N LYS A 27 0.79 5.70 -0.43
CA LYS A 27 2.22 5.68 -0.76
C LYS A 27 2.87 4.49 -0.05
N CYS A 28 3.93 3.96 -0.63
CA CYS A 28 4.61 2.79 -0.06
C CYS A 28 5.46 3.14 1.18
N ILE A 29 5.76 2.15 2.00
CA ILE A 29 6.42 2.31 3.33
C ILE A 29 7.79 3.01 3.23
N PRO A 30 8.19 3.87 4.19
CA PRO A 30 9.20 4.91 3.98
C PRO A 30 10.58 4.44 3.50
N ARG A 31 11.25 5.31 2.73
CA ARG A 31 12.58 5.13 2.12
C ARG A 31 13.52 6.33 2.29
N GLY A 1 -12.55 3.08 -1.30
CA GLY A 1 -12.56 3.23 0.17
C GLY A 1 -11.72 2.16 0.82
N SER A 2 -11.74 2.06 2.16
CA SER A 2 -11.03 1.01 2.93
C SER A 2 -9.53 0.91 2.59
N GLY A 3 -8.89 2.06 2.37
CA GLY A 3 -7.57 2.24 1.74
C GLY A 3 -7.67 2.87 0.35
N CYS A 4 -6.53 2.98 -0.36
CA CYS A 4 -6.48 3.70 -1.64
C CYS A 4 -7.16 2.89 -2.77
N MET A 5 -6.46 1.87 -3.28
CA MET A 5 -6.97 0.76 -4.10
C MET A 5 -6.05 -0.44 -3.86
N LYS A 6 -6.62 -1.61 -3.54
CA LYS A 6 -5.88 -2.83 -3.18
C LYS A 6 -5.09 -3.42 -4.36
N GLU A 7 -5.66 -3.40 -5.56
CA GLU A 7 -5.01 -3.88 -6.78
C GLU A 7 -3.83 -2.98 -7.18
N TYR A 8 -4.05 -1.66 -7.14
CA TYR A 8 -3.02 -0.64 -7.32
C TYR A 8 -1.87 -0.82 -6.32
N CYS A 9 -2.18 -0.89 -5.02
CA CYS A 9 -1.19 -1.04 -3.96
C CYS A 9 -0.39 -2.34 -4.07
N ALA A 10 -0.96 -3.45 -4.57
CA ALA A 10 -0.22 -4.68 -4.80
C ALA A 10 0.81 -4.57 -5.96
N GLY A 11 0.53 -3.74 -6.98
CA GLY A 11 1.45 -3.47 -8.08
C GLY A 11 2.52 -2.42 -7.76
N GLN A 12 2.24 -1.51 -6.81
CA GLN A 12 3.23 -0.56 -6.29
C GLN A 12 4.13 -1.19 -5.22
N CYS A 13 3.54 -1.89 -4.25
CA CYS A 13 4.12 -2.19 -2.94
C CYS A 13 3.98 -3.67 -2.58
N ARG A 14 4.99 -4.24 -1.89
CA ARG A 14 5.09 -5.69 -1.65
C ARG A 14 5.46 -6.02 -0.22
N GLY A 15 5.06 -7.21 0.22
CA GLY A 15 4.98 -7.59 1.63
C GLY A 15 3.78 -6.93 2.30
N LYS A 16 3.23 -7.62 3.31
CA LYS A 16 2.04 -7.24 4.06
C LYS A 16 2.14 -5.84 4.66
N VAL A 17 3.30 -5.44 5.18
CA VAL A 17 3.45 -4.15 5.89
C VAL A 17 3.56 -2.95 4.96
N SER A 18 4.19 -3.11 3.79
CA SER A 18 4.22 -2.07 2.75
C SER A 18 2.87 -1.93 2.06
N GLN A 19 2.20 -3.06 1.75
CA GLN A 19 0.78 -3.02 1.33
C GLN A 19 -0.15 -2.40 2.39
N ASP A 20 0.01 -2.71 3.67
CA ASP A 20 -0.76 -2.12 4.78
C ASP A 20 -0.52 -0.60 4.91
N TYR A 21 0.72 -0.15 4.72
CA TYR A 21 1.04 1.28 4.64
C TYR A 21 0.36 1.96 3.44
N CYS A 22 0.38 1.30 2.26
CA CYS A 22 -0.27 1.82 1.06
C CYS A 22 -1.80 1.88 1.20
N LEU A 23 -2.37 1.06 2.08
CA LEU A 23 -3.77 1.08 2.48
C LEU A 23 -4.13 2.15 3.55
N LYS A 24 -3.17 2.93 4.03
CA LYS A 24 -3.39 4.09 4.93
C LYS A 24 -2.83 5.41 4.39
N HIS A 25 -1.90 5.33 3.43
CA HIS A 25 -1.09 6.45 2.93
C HIS A 25 -0.92 6.47 1.41
N CYS A 26 -1.52 5.55 0.65
CA CYS A 26 -1.42 5.42 -0.81
C CYS A 26 0.01 5.53 -1.41
N LYS A 27 1.01 5.01 -0.69
CA LYS A 27 2.42 4.88 -1.12
C LYS A 27 3.07 3.70 -0.41
N CYS A 28 4.23 3.25 -0.91
CA CYS A 28 4.99 2.19 -0.25
C CYS A 28 5.71 2.69 1.00
N ILE A 29 5.87 1.82 2.00
CA ILE A 29 6.34 2.19 3.35
C ILE A 29 7.74 2.82 3.35
N PRO A 30 8.00 3.88 4.15
CA PRO A 30 9.31 4.52 4.22
C PRO A 30 10.45 3.64 4.74
N ARG A 31 11.68 3.98 4.35
CA ARG A 31 12.94 3.38 4.83
C ARG A 31 14.04 4.41 5.05
N GLY A 1 -11.08 1.26 -2.45
CA GLY A 1 -11.00 -0.13 -1.96
C GLY A 1 -9.88 -0.27 -0.96
N SER A 2 -10.13 0.09 0.30
CA SER A 2 -9.16 0.22 1.41
C SER A 2 -7.99 1.17 1.13
N GLY A 3 -7.95 2.30 1.82
CA GLY A 3 -6.92 3.34 1.64
C GLY A 3 -7.07 4.11 0.33
N CYS A 4 -6.64 3.47 -0.76
CA CYS A 4 -6.89 3.87 -2.14
C CYS A 4 -7.48 2.70 -2.94
N MET A 5 -6.66 1.75 -3.41
CA MET A 5 -7.12 0.51 -4.06
C MET A 5 -6.14 -0.63 -3.80
N LYS A 6 -6.66 -1.82 -3.49
CA LYS A 6 -5.90 -3.06 -3.24
C LYS A 6 -4.99 -3.42 -4.41
N GLU A 7 -5.53 -3.35 -5.62
CA GLU A 7 -4.84 -3.75 -6.86
C GLU A 7 -3.69 -2.79 -7.20
N TYR A 8 -3.95 -1.49 -7.05
CA TYR A 8 -2.96 -0.42 -7.24
C TYR A 8 -1.80 -0.56 -6.25
N CYS A 9 -2.12 -0.71 -4.96
CA CYS A 9 -1.13 -0.89 -3.89
C CYS A 9 -0.32 -2.18 -4.03
N ALA A 10 -0.90 -3.26 -4.54
CA ALA A 10 -0.21 -4.52 -4.82
C ALA A 10 0.78 -4.45 -6.00
N GLY A 11 0.63 -3.45 -6.89
CA GLY A 11 1.62 -3.10 -7.92
C GLY A 11 2.70 -2.12 -7.42
N GLN A 12 2.32 -1.19 -6.54
CA GLN A 12 3.25 -0.24 -5.91
C GLN A 12 4.20 -0.90 -4.90
N CYS A 13 3.73 -1.88 -4.13
CA CYS A 13 4.37 -2.30 -2.88
C CYS A 13 4.13 -3.79 -2.54
N ARG A 14 5.07 -4.44 -1.83
CA ARG A 14 4.98 -5.87 -1.46
C ARG A 14 5.54 -6.23 -0.08
N GLY A 15 5.00 -7.27 0.52
CA GLY A 15 5.01 -7.53 1.96
C GLY A 15 3.75 -6.95 2.61
N LYS A 16 3.20 -7.62 3.64
CA LYS A 16 1.90 -7.29 4.21
C LYS A 16 1.87 -5.90 4.85
N VAL A 17 2.97 -5.47 5.48
CA VAL A 17 3.11 -4.15 6.12
C VAL A 17 3.39 -3.07 5.08
N SER A 18 4.12 -3.39 4.02
CA SER A 18 4.34 -2.50 2.89
C SER A 18 3.02 -2.18 2.17
N GLN A 19 2.20 -3.20 1.89
CA GLN A 19 0.83 -2.99 1.41
C GLN A 19 -0.09 -2.33 2.44
N ASP A 20 0.01 -2.66 3.74
CA ASP A 20 -0.76 -1.97 4.80
C ASP A 20 -0.44 -0.47 4.82
N TYR A 21 0.83 -0.08 4.66
CA TYR A 21 1.23 1.33 4.54
C TYR A 21 0.56 2.03 3.36
N CYS A 22 0.40 1.36 2.21
CA CYS A 22 -0.33 1.91 1.06
C CYS A 22 -1.85 1.95 1.30
N LEU A 23 -2.38 1.01 2.09
CA LEU A 23 -3.76 1.02 2.58
C LEU A 23 -4.01 2.04 3.72
N LYS A 24 -2.96 2.58 4.33
CA LYS A 24 -3.00 3.75 5.23
C LYS A 24 -2.78 5.08 4.50
N HIS A 25 -2.00 5.10 3.41
CA HIS A 25 -1.41 6.34 2.85
C HIS A 25 -1.44 6.51 1.32
N CYS A 26 -2.02 5.61 0.51
CA CYS A 26 -2.02 5.68 -0.96
C CYS A 26 -0.62 5.72 -1.63
N LYS A 27 0.42 5.30 -0.90
CA LYS A 27 1.84 5.27 -1.33
C LYS A 27 2.58 4.09 -0.72
N CYS A 28 3.66 3.65 -1.36
CA CYS A 28 4.50 2.57 -0.84
C CYS A 28 5.35 3.03 0.37
N ILE A 29 5.86 2.07 1.12
CA ILE A 29 6.62 2.29 2.36
C ILE A 29 8.08 2.70 2.07
N PRO A 30 8.67 3.65 2.81
CA PRO A 30 10.11 3.94 2.75
C PRO A 30 10.98 2.77 3.21
N ARG A 31 12.15 2.60 2.58
CA ARG A 31 13.20 1.64 2.96
C ARG A 31 14.60 2.22 2.84
N GLY A 1 -11.64 3.61 -2.30
CA GLY A 1 -11.28 2.24 -1.91
C GLY A 1 -10.75 2.21 -0.50
N SER A 2 -10.33 1.06 0.00
CA SER A 2 -9.68 0.95 1.31
C SER A 2 -8.27 1.55 1.24
N GLY A 3 -8.07 2.72 1.87
CA GLY A 3 -6.87 3.54 1.67
C GLY A 3 -6.83 4.16 0.27
N CYS A 4 -6.15 3.50 -0.66
CA CYS A 4 -6.31 3.66 -2.10
C CYS A 4 -6.98 2.40 -2.68
N MET A 5 -6.22 1.44 -3.22
CA MET A 5 -6.68 0.07 -3.53
C MET A 5 -5.52 -0.93 -3.43
N LYS A 6 -5.81 -2.16 -2.97
CA LYS A 6 -4.89 -3.31 -3.04
C LYS A 6 -4.47 -3.59 -4.49
N GLU A 7 -5.41 -3.58 -5.43
CA GLU A 7 -5.15 -3.92 -6.84
C GLU A 7 -4.17 -2.99 -7.56
N TYR A 8 -4.17 -1.71 -7.18
CA TYR A 8 -3.22 -0.71 -7.67
C TYR A 8 -1.85 -0.92 -7.01
N CYS A 9 -1.84 -0.94 -5.68
CA CYS A 9 -0.60 -1.00 -4.89
C CYS A 9 0.12 -2.34 -5.03
N ALA A 10 -0.54 -3.44 -5.43
CA ALA A 10 0.11 -4.71 -5.74
C ALA A 10 1.12 -4.61 -6.92
N GLY A 11 1.06 -3.56 -7.76
CA GLY A 11 2.07 -3.26 -8.78
C GLY A 11 3.22 -2.35 -8.31
N GLN A 12 3.11 -1.72 -7.13
CA GLN A 12 4.04 -0.70 -6.64
C GLN A 12 4.79 -1.14 -5.36
N CYS A 13 4.05 -1.69 -4.39
CA CYS A 13 4.43 -1.91 -3.00
C CYS A 13 4.19 -3.39 -2.62
N ARG A 14 5.14 -4.02 -1.93
CA ARG A 14 5.09 -5.48 -1.66
C ARG A 14 5.47 -5.90 -0.25
N GLY A 15 5.01 -7.09 0.12
CA GLY A 15 4.89 -7.54 1.51
C GLY A 15 3.66 -6.90 2.18
N LYS A 16 3.07 -7.64 3.12
CA LYS A 16 1.82 -7.26 3.81
C LYS A 16 1.89 -5.89 4.47
N VAL A 17 3.05 -5.48 4.99
CA VAL A 17 3.23 -4.24 5.78
C VAL A 17 3.37 -2.99 4.90
N SER A 18 4.06 -3.09 3.76
CA SER A 18 4.13 -2.02 2.76
C SER A 18 2.78 -1.82 2.07
N GLN A 19 2.10 -2.91 1.70
CA GLN A 19 0.69 -2.82 1.27
C GLN A 19 -0.25 -2.28 2.36
N ASP A 20 -0.07 -2.62 3.64
CA ASP A 20 -0.85 -2.07 4.77
C ASP A 20 -0.57 -0.57 5.01
N TYR A 21 0.68 -0.12 4.80
CA TYR A 21 0.98 1.32 4.74
C TYR A 21 0.30 2.02 3.56
N CYS A 22 0.24 1.39 2.38
CA CYS A 22 -0.48 1.95 1.24
C CYS A 22 -1.98 2.10 1.52
N LEU A 23 -2.54 1.16 2.29
CA LEU A 23 -3.92 1.19 2.80
C LEU A 23 -4.19 2.30 3.84
N LYS A 24 -3.18 3.03 4.28
CA LYS A 24 -3.30 4.22 5.14
C LYS A 24 -2.84 5.50 4.43
N HIS A 25 -1.97 5.39 3.42
CA HIS A 25 -1.18 6.51 2.89
C HIS A 25 -1.00 6.58 1.35
N CYS A 26 -1.57 5.67 0.55
CA CYS A 26 -1.47 5.66 -0.93
C CYS A 26 -0.04 5.66 -1.53
N LYS A 27 0.97 5.35 -0.71
CA LYS A 27 2.39 5.18 -1.05
C LYS A 27 2.92 3.87 -0.47
N CYS A 28 4.11 3.45 -0.87
CA CYS A 28 4.82 2.37 -0.20
C CYS A 28 5.39 2.83 1.15
N ILE A 29 5.85 1.91 2.00
CA ILE A 29 6.36 2.23 3.35
C ILE A 29 7.81 2.78 3.31
N PRO A 30 8.14 3.90 3.99
CA PRO A 30 9.46 4.56 3.89
C PRO A 30 10.66 3.67 4.25
N ARG A 31 11.41 3.25 3.22
CA ARG A 31 12.58 2.35 3.29
C ARG A 31 13.69 2.81 2.35
#